data_2HCJ
#
_entry.id   2HCJ
#
_cell.length_a   69.110
_cell.length_b   69.110
_cell.length_c   157.330
_cell.angle_alpha   90.000
_cell.angle_beta   90.000
_cell.angle_gamma   90.000
#
_symmetry.space_group_name_H-M   'P 43 21 2'
#
loop_
_entity.id
_entity.type
_entity.pdbx_description
1 polymer 'Protein chain elongation factor EF-Tu'
2 polymer 'Protein chain elongation factor EF-Tu'
3 non-polymer 'MAGNESIUM ION'
4 non-polymer 'SULFATE ION'
5 non-polymer "GUANOSINE-5'-DIPHOSPHATE"
6 non-polymer 'SODIUM ION'
7 non-polymer TETRACYCLINE
8 non-polymer 'GLYOXYLIC ACID'
9 water water
#
loop_
_entity_poly.entity_id
_entity_poly.type
_entity_poly.pdbx_seq_one_letter_code
_entity_poly.pdbx_strand_id
1 'polypeptide(L)' TKPHVNVGTIGHVDHGKTTLTAAITTVLAKTYGGAAR A
2 'polypeptide(L)'
;GITINTSHVEYDTPTRHYAHVD(CSO)PGHADYVKNMITGAAQMDGAILVVAATDGPMPQTREHILLGRQVGVPYIIVFL
NKCDMVDDEELLELVEMEVRELLSQYDFPGDDTPIVRGSALKALEGDAEWEAKILELAGFLDSYIPEPERAIDKPFLLPI
EDVFSISGRGTVVTGRVERGIIKVGEEVEIVGIKETQKSTCTGVEMFRKLLDEGRAGENVGVLLRGIKREEIERGQVLAK
PGTIKPHTKFESEVYILSKDEGGRHTPFFKGYRPQFYFRTTDVTGTIELPEGVEMVMPGDNIKMVVTLIHPIAMDDGLRF
AIREGGRTVGAGVVAKVLG
;
B
#
# COMPACT_ATOMS: atom_id res chain seq x y z
N THR A 1 6.82 1.29 23.08
CA THR A 1 6.26 2.64 23.41
C THR A 1 6.13 3.58 22.21
N LYS A 2 7.26 3.97 21.65
CA LYS A 2 7.32 4.91 20.53
C LYS A 2 6.46 4.64 19.31
N PRO A 3 5.98 5.73 18.68
CA PRO A 3 5.15 5.61 17.48
C PRO A 3 6.05 5.00 16.40
N HIS A 4 5.50 4.04 15.66
N HIS A 4 5.49 4.04 15.65
CA HIS A 4 6.24 3.40 14.58
CA HIS A 4 6.21 3.37 14.57
C HIS A 4 5.72 3.98 13.27
C HIS A 4 5.71 3.97 13.26
N VAL A 5 6.64 4.30 12.37
CA VAL A 5 6.27 4.90 11.08
C VAL A 5 7.04 4.25 9.92
N ASN A 6 6.31 3.84 8.87
CA ASN A 6 6.93 3.22 7.70
C ASN A 6 7.21 4.25 6.62
N VAL A 7 8.44 4.26 6.15
CA VAL A 7 8.84 5.19 5.10
C VAL A 7 9.77 4.44 4.14
N GLY A 8 10.18 5.10 3.07
CA GLY A 8 11.05 4.46 2.11
C GLY A 8 11.49 5.47 1.08
N THR A 9 12.53 5.12 0.33
CA THR A 9 13.07 5.99 -0.69
C THR A 9 12.62 5.61 -2.09
N ILE A 10 12.02 6.56 -2.80
CA ILE A 10 11.57 6.35 -4.19
C ILE A 10 12.36 7.33 -5.07
N GLY A 11 12.31 7.12 -6.38
CA GLY A 11 13.04 7.98 -7.29
C GLY A 11 13.85 7.22 -8.32
N HIS A 12 14.36 7.95 -9.31
CA HIS A 12 15.11 7.35 -10.43
C HIS A 12 16.42 6.64 -10.04
N VAL A 13 16.78 5.62 -10.81
CA VAL A 13 18.01 4.86 -10.54
C VAL A 13 19.24 5.77 -10.55
N ASP A 14 20.13 5.52 -9.58
CA ASP A 14 21.38 6.25 -9.40
C ASP A 14 21.24 7.68 -8.88
N HIS A 15 20.04 8.09 -8.53
CA HIS A 15 19.89 9.43 -8.00
C HIS A 15 20.34 9.53 -6.54
N GLY A 16 20.67 8.38 -5.94
CA GLY A 16 21.18 8.36 -4.57
C GLY A 16 20.29 7.86 -3.44
N LYS A 17 19.32 7.00 -3.75
CA LYS A 17 18.38 6.49 -2.74
C LYS A 17 19.06 5.59 -1.70
N THR A 18 19.97 4.74 -2.15
CA THR A 18 20.67 3.85 -1.24
C THR A 18 21.70 4.63 -0.41
N THR A 19 22.40 5.56 -1.04
CA THR A 19 23.37 6.40 -0.34
C THR A 19 22.62 7.24 0.72
N LEU A 20 21.47 7.79 0.34
CA LEU A 20 20.67 8.57 1.30
C LEU A 20 20.21 7.66 2.43
N THR A 21 19.75 6.46 2.08
CA THR A 21 19.32 5.52 3.10
C THR A 21 20.39 5.30 4.18
N ALA A 22 21.64 5.08 3.76
CA ALA A 22 22.73 4.85 4.71
C ALA A 22 23.02 6.15 5.46
N ALA A 23 23.05 7.26 4.73
CA ALA A 23 23.31 8.56 5.35
C ALA A 23 22.34 8.91 6.47
N ILE A 24 21.06 8.59 6.27
CA ILE A 24 20.08 8.87 7.30
C ILE A 24 20.44 8.03 8.53
N THR A 25 20.63 6.74 8.31
CA THR A 25 20.95 5.82 9.38
C THR A 25 22.16 6.27 10.22
N THR A 26 23.28 6.56 9.57
CA THR A 26 24.47 6.94 10.32
C THR A 26 24.37 8.28 11.04
N VAL A 27 23.73 9.26 10.40
CA VAL A 27 23.60 10.57 11.01
C VAL A 27 22.63 10.59 12.18
N LEU A 28 21.55 9.81 12.09
CA LEU A 28 20.61 9.80 13.21
C LEU A 28 21.21 9.05 14.40
N ALA A 29 22.09 8.10 14.09
CA ALA A 29 22.73 7.30 15.13
C ALA A 29 23.76 8.12 15.90
N LYS A 30 24.48 8.96 15.17
CA LYS A 30 25.50 9.82 15.74
C LYS A 30 24.91 11.06 16.41
N THR A 31 23.66 11.37 16.10
CA THR A 31 23.02 12.55 16.68
C THR A 31 22.06 12.19 17.80
N TYR A 32 21.33 11.09 17.62
CA TYR A 32 20.35 10.65 18.60
C TYR A 32 20.62 9.25 19.16
N GLY A 33 21.86 8.78 19.03
CA GLY A 33 22.19 7.45 19.54
C GLY A 33 22.02 7.30 21.05
N GLY B 1 5.78 -17.11 -8.47
CA GLY B 1 5.72 -16.26 -7.29
C GLY B 1 6.45 -14.95 -7.48
N ILE B 2 5.86 -13.87 -6.99
CA ILE B 2 6.46 -12.56 -7.11
C ILE B 2 7.78 -12.48 -6.35
N THR B 3 8.83 -11.99 -6.99
CA THR B 3 10.11 -11.89 -6.33
C THR B 3 10.27 -10.52 -5.70
N ILE B 4 10.42 -10.50 -4.39
CA ILE B 4 10.54 -9.27 -3.64
C ILE B 4 11.97 -8.94 -3.23
N ASN B 5 12.55 -7.93 -3.87
CA ASN B 5 13.92 -7.47 -3.58
C ASN B 5 13.88 -6.17 -2.76
N THR B 6 14.35 -6.22 -1.52
CA THR B 6 14.30 -5.03 -0.66
C THR B 6 15.53 -4.88 0.23
N SER B 7 15.64 -3.69 0.80
CA SER B 7 16.71 -3.37 1.74
C SER B 7 15.97 -2.70 2.88
N HIS B 8 16.03 -3.32 4.06
CA HIS B 8 15.36 -2.81 5.24
C HIS B 8 16.33 -2.30 6.29
N VAL B 9 16.08 -1.09 6.79
CA VAL B 9 16.90 -0.49 7.85
C VAL B 9 15.91 0.18 8.79
N GLU B 10 16.33 0.41 10.02
CA GLU B 10 15.48 1.08 10.99
C GLU B 10 16.34 2.17 11.64
N TYR B 11 15.70 3.27 12.01
CA TYR B 11 16.41 4.38 12.65
C TYR B 11 15.42 5.20 13.50
N ASP B 12 15.97 5.97 14.45
CA ASP B 12 15.12 6.73 15.35
C ASP B 12 15.38 8.21 15.47
N THR B 13 14.29 8.94 15.67
CA THR B 13 14.40 10.36 15.98
C THR B 13 13.98 10.33 17.46
N PRO B 14 14.14 11.43 18.18
CA PRO B 14 13.73 11.39 19.59
C PRO B 14 12.29 10.94 19.81
N THR B 15 11.40 11.25 18.88
CA THR B 15 9.99 10.90 19.06
C THR B 15 9.49 9.74 18.20
N ARG B 16 10.27 9.27 17.25
CA ARG B 16 9.77 8.20 16.41
C ARG B 16 10.76 7.16 15.96
N HIS B 17 10.22 5.97 15.74
CA HIS B 17 10.99 4.84 15.27
C HIS B 17 10.53 4.62 13.82
N TYR B 18 11.48 4.63 12.89
CA TYR B 18 11.14 4.43 11.49
C TYR B 18 11.63 3.11 10.91
N ALA B 19 10.75 2.50 10.11
CA ALA B 19 11.07 1.27 9.41
C ALA B 19 11.17 1.78 7.97
N HIS B 20 12.39 1.81 7.47
CA HIS B 20 12.70 2.32 6.14
C HIS B 20 12.94 1.22 5.09
N VAL B 21 12.34 1.35 3.91
CA VAL B 21 12.57 0.35 2.85
C VAL B 21 13.12 1.04 1.61
N ASP B 22 14.10 0.40 0.98
CA ASP B 22 14.79 0.90 -0.21
C ASP B 22 14.80 -0.29 -1.19
N PRO B 24 16.18 -1.91 -5.23
CA PRO B 24 17.20 -1.82 -6.29
C PRO B 24 16.82 -1.14 -7.58
N GLY B 25 15.89 -1.76 -8.32
CA GLY B 25 15.48 -1.23 -9.62
C GLY B 25 14.03 -0.81 -9.74
N HIS B 26 13.69 -0.15 -10.84
CA HIS B 26 12.33 0.32 -11.03
C HIS B 26 11.25 -0.74 -10.89
N ALA B 27 11.51 -1.95 -11.40
CA ALA B 27 10.53 -3.03 -11.31
C ALA B 27 10.26 -3.40 -9.84
N ASP B 28 11.27 -3.27 -9.00
CA ASP B 28 11.11 -3.58 -7.59
C ASP B 28 10.19 -2.55 -6.95
N TYR B 29 10.31 -1.30 -7.38
CA TYR B 29 9.47 -0.22 -6.86
C TYR B 29 8.01 -0.47 -7.27
N VAL B 30 7.79 -0.83 -8.52
CA VAL B 30 6.45 -1.13 -9.01
C VAL B 30 5.81 -2.26 -8.18
N LYS B 31 6.45 -3.43 -8.20
CA LYS B 31 5.96 -4.61 -7.49
C LYS B 31 5.64 -4.38 -6.05
N ASN B 32 6.67 -3.95 -5.33
N ASN B 32 6.66 -3.95 -5.32
CA ASN B 32 6.59 -3.70 -3.90
CA ASN B 32 6.58 -3.70 -3.91
C ASN B 32 5.58 -2.59 -3.51
C ASN B 32 5.56 -2.61 -3.51
N MET B 33 5.30 -1.68 -4.41
CA MET B 33 4.34 -0.60 -4.12
C MET B 33 2.93 -1.11 -4.35
N ILE B 34 2.75 -1.96 -5.35
CA ILE B 34 1.43 -2.48 -5.64
C ILE B 34 1.02 -3.58 -4.64
N THR B 35 1.91 -4.54 -4.41
CA THR B 35 1.60 -5.63 -3.50
C THR B 35 1.49 -5.22 -2.04
N GLY B 36 2.06 -4.07 -1.68
CA GLY B 36 2.01 -3.64 -0.28
C GLY B 36 3.12 -4.33 0.50
N ALA B 37 4.14 -4.77 -0.22
N ALA B 37 4.11 -4.84 -0.21
CA ALA B 37 5.27 -5.47 0.36
CA ALA B 37 5.28 -5.51 0.42
C ALA B 37 6.09 -4.54 1.26
C ALA B 37 6.16 -4.60 1.29
N ALA B 38 5.62 -3.32 1.42
N ALA B 38 6.05 -3.28 1.09
CA ALA B 38 6.29 -2.32 2.26
CA ALA B 38 6.77 -2.25 1.86
C ALA B 38 5.31 -1.19 2.30
C ALA B 38 5.66 -1.22 1.91
N GLN B 39 4.61 -1.03 3.42
N GLN B 39 5.04 -1.21 3.08
CA GLN B 39 3.67 0.06 3.35
CA GLN B 39 3.88 -0.43 3.51
C GLN B 39 4.18 1.39 3.82
C GLN B 39 4.07 1.06 3.94
N MET B 40 4.24 2.33 2.90
N MET B 40 4.42 1.95 3.01
CA MET B 40 4.74 3.62 3.22
CA MET B 40 4.68 3.38 3.30
C MET B 40 3.69 4.57 3.72
C MET B 40 3.63 4.37 3.81
N ASP B 41 3.95 5.04 4.93
CA ASP B 41 3.09 6.04 5.56
C ASP B 41 3.55 7.34 4.91
N GLY B 42 4.79 7.34 4.44
CA GLY B 42 5.36 8.50 3.78
C GLY B 42 6.55 8.07 2.94
N ALA B 43 6.75 8.70 1.78
CA ALA B 43 7.84 8.34 0.92
C ALA B 43 8.81 9.48 0.81
N ILE B 44 10.09 9.16 0.67
CA ILE B 44 11.13 10.16 0.49
C ILE B 44 11.52 10.08 -0.99
N LEU B 45 11.09 11.07 -1.77
CA LEU B 45 11.43 11.12 -3.19
C LEU B 45 12.82 11.72 -3.36
N VAL B 46 13.75 10.91 -3.85
CA VAL B 46 15.10 11.37 -4.06
C VAL B 46 15.25 11.83 -5.52
N VAL B 47 15.72 13.06 -5.73
CA VAL B 47 15.90 13.60 -7.09
C VAL B 47 17.29 14.18 -7.16
N ALA B 48 18.10 13.69 -8.09
CA ALA B 48 19.46 14.19 -8.23
C ALA B 48 19.37 15.57 -8.86
N ALA B 49 20.04 16.56 -8.25
CA ALA B 49 20.01 17.91 -8.78
C ALA B 49 20.73 17.96 -10.13
N THR B 50 21.60 16.98 -10.36
CA THR B 50 22.38 16.90 -11.58
C THR B 50 21.59 16.45 -12.80
N ASP B 51 20.60 15.57 -12.57
CA ASP B 51 19.75 15.04 -13.65
C ASP B 51 18.42 15.77 -13.72
N GLY B 52 17.93 16.18 -12.56
CA GLY B 52 16.63 16.81 -12.49
C GLY B 52 15.68 15.63 -12.51
N PRO B 53 14.37 15.87 -12.60
CA PRO B 53 13.43 14.74 -12.63
C PRO B 53 13.72 13.83 -13.81
N MET B 54 13.55 12.52 -13.63
CA MET B 54 13.77 11.56 -14.70
C MET B 54 12.53 10.67 -14.81
N PRO B 55 12.47 9.81 -15.84
CA PRO B 55 11.29 8.95 -15.99
C PRO B 55 10.76 8.23 -14.74
N GLN B 56 11.64 7.61 -13.97
CA GLN B 56 11.16 6.90 -12.78
C GLN B 56 10.75 7.86 -11.67
N THR B 57 11.18 9.12 -11.78
CA THR B 57 10.80 10.14 -10.80
C THR B 57 9.29 10.31 -10.96
N ARG B 58 8.88 10.52 -12.20
CA ARG B 58 7.47 10.70 -12.54
C ARG B 58 6.66 9.44 -12.23
N GLU B 59 7.13 8.29 -12.70
CA GLU B 59 6.40 7.05 -12.46
C GLU B 59 6.24 6.74 -10.96
N HIS B 60 7.25 7.00 -10.15
CA HIS B 60 7.08 6.70 -8.72
C HIS B 60 6.08 7.62 -8.05
N ILE B 61 5.98 8.86 -8.52
CA ILE B 61 5.00 9.79 -7.96
C ILE B 61 3.62 9.27 -8.40
N LEU B 62 3.51 8.91 -9.68
CA LEU B 62 2.26 8.41 -10.23
C LEU B 62 1.83 7.15 -9.50
N LEU B 63 2.74 6.19 -9.37
CA LEU B 63 2.43 4.97 -8.64
C LEU B 63 2.03 5.29 -7.20
N GLY B 64 2.78 6.20 -6.57
CA GLY B 64 2.49 6.58 -5.20
C GLY B 64 1.05 7.04 -5.00
N ARG B 65 0.55 7.85 -5.93
N ARG B 65 0.55 7.85 -5.93
CA ARG B 65 -0.83 8.33 -5.82
CA ARG B 65 -0.83 8.33 -5.82
C ARG B 65 -1.80 7.17 -6.03
C ARG B 65 -1.79 7.18 -6.03
N GLN B 66 -1.59 6.41 -7.10
CA GLN B 66 -2.45 5.28 -7.40
C GLN B 66 -2.50 4.21 -6.30
N VAL B 67 -1.36 3.92 -5.66
CA VAL B 67 -1.38 2.90 -4.61
C VAL B 67 -1.71 3.45 -3.21
N GLY B 68 -1.95 4.76 -3.13
CA GLY B 68 -2.29 5.34 -1.83
C GLY B 68 -1.21 5.92 -0.92
N VAL B 69 0.00 6.14 -1.40
CA VAL B 69 1.02 6.75 -0.54
C VAL B 69 0.53 8.17 -0.21
N PRO B 70 0.19 8.43 1.07
CA PRO B 70 -0.32 9.74 1.51
C PRO B 70 0.57 10.96 1.51
N TYR B 71 1.87 10.78 1.73
CA TYR B 71 2.78 11.91 1.76
C TYR B 71 4.11 11.65 1.10
N ILE B 72 4.62 12.68 0.44
CA ILE B 72 5.91 12.61 -0.21
C ILE B 72 6.73 13.82 0.19
N ILE B 73 7.95 13.56 0.67
CA ILE B 73 8.87 14.61 1.05
C ILE B 73 9.99 14.43 0.02
N VAL B 74 10.60 15.52 -0.41
CA VAL B 74 11.66 15.46 -1.40
C VAL B 74 13.04 15.73 -0.83
N PHE B 75 14.01 14.95 -1.27
CA PHE B 75 15.39 15.16 -0.88
C PHE B 75 16.12 15.41 -2.18
N LEU B 76 16.40 16.67 -2.46
CA LEU B 76 17.12 17.07 -3.65
C LEU B 76 18.56 16.72 -3.38
N ASN B 77 19.01 15.63 -4.00
CA ASN B 77 20.36 15.10 -3.78
C ASN B 77 21.46 15.61 -4.70
N LYS B 78 22.69 15.28 -4.33
CA LYS B 78 23.88 15.64 -5.08
C LYS B 78 24.08 17.13 -5.22
N CYS B 79 23.60 17.90 -4.25
CA CYS B 79 23.75 19.34 -4.32
C CYS B 79 25.20 19.76 -4.17
N ASP B 80 26.06 18.81 -3.78
CA ASP B 80 27.50 19.08 -3.66
C ASP B 80 28.08 19.25 -5.06
N MET B 81 27.35 18.76 -6.07
CA MET B 81 27.79 18.88 -7.46
C MET B 81 27.23 20.13 -8.12
N VAL B 82 26.19 20.70 -7.52
CA VAL B 82 25.56 21.87 -8.12
C VAL B 82 25.61 23.15 -7.31
N ASP B 83 26.55 24.02 -7.63
CA ASP B 83 26.57 25.30 -6.94
C ASP B 83 26.01 26.35 -7.90
N ASP B 84 24.69 26.49 -7.83
CA ASP B 84 23.96 27.45 -8.64
C ASP B 84 22.56 27.50 -8.07
N GLU B 85 22.35 28.43 -7.15
CA GLU B 85 21.05 28.59 -6.52
C GLU B 85 19.91 28.61 -7.55
N GLU B 86 20.18 29.17 -8.72
CA GLU B 86 19.15 29.25 -9.74
C GLU B 86 18.85 27.87 -10.32
N LEU B 87 19.87 27.05 -10.49
CA LEU B 87 19.65 25.72 -11.03
C LEU B 87 18.85 24.91 -10.01
N LEU B 88 19.21 25.05 -8.73
CA LEU B 88 18.50 24.31 -7.70
C LEU B 88 17.02 24.73 -7.62
N GLU B 89 16.73 26.03 -7.74
CA GLU B 89 15.33 26.47 -7.68
C GLU B 89 14.58 25.99 -8.92
N LEU B 90 15.30 25.87 -10.04
CA LEU B 90 14.70 25.41 -11.28
C LEU B 90 14.20 23.97 -11.03
N VAL B 91 15.12 23.09 -10.64
CA VAL B 91 14.78 21.71 -10.37
C VAL B 91 13.65 21.56 -9.35
N GLU B 92 13.71 22.33 -8.26
CA GLU B 92 12.67 22.25 -7.22
C GLU B 92 11.31 22.57 -7.79
N MET B 93 11.27 23.60 -8.61
CA MET B 93 10.03 24.01 -9.25
C MET B 93 9.54 22.87 -10.13
N GLU B 94 10.45 22.28 -10.90
CA GLU B 94 10.10 21.17 -11.77
C GLU B 94 9.49 20.05 -10.93
N VAL B 95 10.10 19.76 -9.78
CA VAL B 95 9.58 18.72 -8.90
C VAL B 95 8.20 19.05 -8.32
N ARG B 96 7.99 20.28 -7.85
CA ARG B 96 6.69 20.66 -7.32
C ARG B 96 5.61 20.54 -8.40
N GLU B 97 5.95 20.95 -9.62
CA GLU B 97 4.98 20.88 -10.71
C GLU B 97 4.63 19.42 -10.99
N LEU B 98 5.64 18.56 -10.95
CA LEU B 98 5.44 17.14 -11.18
C LEU B 98 4.55 16.57 -10.09
N LEU B 99 4.84 16.87 -8.83
CA LEU B 99 4.02 16.36 -7.72
C LEU B 99 2.56 16.79 -7.88
N SER B 100 2.35 18.07 -8.19
CA SER B 100 1.00 18.59 -8.36
C SER B 100 0.28 17.92 -9.53
N GLN B 101 1.02 17.65 -10.61
CA GLN B 101 0.43 17.00 -11.78
C GLN B 101 -0.26 15.71 -11.35
N TYR B 102 0.20 15.10 -10.27
CA TYR B 102 -0.40 13.87 -9.80
C TYR B 102 -1.12 14.02 -8.47
N ASP B 103 -1.63 15.23 -8.24
CA ASP B 103 -2.43 15.58 -7.06
C ASP B 103 -1.79 15.59 -5.68
N PHE B 104 -0.47 15.58 -5.63
CA PHE B 104 0.23 15.69 -4.36
C PHE B 104 0.36 17.21 -4.28
N PRO B 105 0.40 17.78 -3.07
CA PRO B 105 0.50 19.23 -2.88
C PRO B 105 1.91 19.78 -3.07
N GLY B 106 2.34 19.85 -4.33
CA GLY B 106 3.67 20.34 -4.62
C GLY B 106 4.09 21.60 -3.90
N ASP B 107 3.18 22.57 -3.80
CA ASP B 107 3.50 23.84 -3.14
C ASP B 107 3.81 23.71 -1.65
N ASP B 108 3.10 22.80 -0.98
CA ASP B 108 3.28 22.56 0.46
C ASP B 108 4.30 21.44 0.78
N THR B 109 4.99 20.93 -0.23
CA THR B 109 5.93 19.84 -0.03
C THR B 109 7.32 20.24 0.43
N PRO B 110 7.77 19.66 1.54
CA PRO B 110 9.11 20.00 2.04
C PRO B 110 10.14 19.47 1.05
N ILE B 111 11.12 20.31 0.70
CA ILE B 111 12.19 19.90 -0.19
C ILE B 111 13.50 20.27 0.50
N VAL B 112 14.30 19.26 0.77
CA VAL B 112 15.59 19.44 1.42
C VAL B 112 16.71 19.33 0.39
N ARG B 113 17.61 20.30 0.40
CA ARG B 113 18.74 20.29 -0.52
C ARG B 113 19.90 19.68 0.22
N GLY B 114 20.36 18.54 -0.26
CA GLY B 114 21.47 17.91 0.42
C GLY B 114 22.40 17.14 -0.46
N SER B 115 23.28 16.43 0.22
CA SER B 115 24.26 15.57 -0.40
C SER B 115 24.32 14.36 0.51
N ALA B 116 23.74 13.26 0.07
CA ALA B 116 23.77 12.03 0.86
C ALA B 116 25.20 11.55 0.96
N LEU B 117 25.96 11.70 -0.11
CA LEU B 117 27.34 11.23 -0.11
C LEU B 117 28.23 11.99 0.88
N LYS B 118 28.25 13.32 0.81
CA LYS B 118 29.13 14.04 1.71
C LYS B 118 28.63 13.97 3.15
N ALA B 119 27.33 13.74 3.34
CA ALA B 119 26.81 13.60 4.69
C ALA B 119 27.36 12.28 5.24
N LEU B 120 27.33 11.27 4.40
CA LEU B 120 27.76 9.93 4.75
C LEU B 120 29.25 9.91 5.08
N GLU B 121 29.97 10.86 4.48
CA GLU B 121 31.41 10.97 4.70
C GLU B 121 31.77 11.66 6.02
N GLY B 122 30.78 12.28 6.67
CA GLY B 122 31.04 12.95 7.94
C GLY B 122 31.14 14.46 7.85
N ASP B 123 30.78 15.02 6.70
CA ASP B 123 30.79 16.47 6.50
C ASP B 123 29.62 17.07 7.28
N ALA B 124 29.91 17.85 8.31
CA ALA B 124 28.88 18.46 9.16
C ALA B 124 27.90 19.38 8.44
N GLU B 125 28.36 20.16 7.48
CA GLU B 125 27.46 21.05 6.75
C GLU B 125 26.34 20.20 6.12
N TRP B 126 26.71 19.07 5.52
CA TRP B 126 25.73 18.22 4.87
C TRP B 126 24.93 17.35 5.82
N GLU B 127 25.55 16.87 6.89
CA GLU B 127 24.83 16.06 7.86
C GLU B 127 23.61 16.85 8.36
N ALA B 128 23.77 18.17 8.47
CA ALA B 128 22.68 19.03 8.93
C ALA B 128 21.46 18.90 8.01
N LYS B 129 21.69 18.69 6.72
CA LYS B 129 20.56 18.54 5.79
C LYS B 129 19.81 17.22 6.03
N ILE B 130 20.53 16.19 6.45
CA ILE B 130 19.92 14.91 6.78
C ILE B 130 19.02 15.12 8.00
N LEU B 131 19.53 15.80 9.02
CA LEU B 131 18.74 16.06 10.22
C LEU B 131 17.48 16.85 9.83
N GLU B 132 17.64 17.76 8.87
CA GLU B 132 16.49 18.54 8.42
C GLU B 132 15.45 17.61 7.79
N LEU B 133 15.91 16.64 6.99
CA LEU B 133 14.99 15.69 6.35
C LEU B 133 14.26 14.87 7.41
N ALA B 134 15.01 14.45 8.43
CA ALA B 134 14.41 13.67 9.51
C ALA B 134 13.40 14.52 10.28
N GLY B 135 13.64 15.83 10.32
CA GLY B 135 12.72 16.73 11.01
C GLY B 135 11.39 16.74 10.27
N PHE B 136 11.45 16.80 8.94
CA PHE B 136 10.25 16.80 8.14
C PHE B 136 9.55 15.44 8.21
N LEU B 137 10.30 14.36 8.39
CA LEU B 137 9.67 13.05 8.52
C LEU B 137 8.80 13.17 9.80
N ASP B 138 9.41 13.71 10.85
CA ASP B 138 8.73 13.91 12.12
C ASP B 138 7.55 14.87 12.03
N SER B 139 7.74 16.02 11.40
CA SER B 139 6.70 17.02 11.33
C SER B 139 5.64 16.95 10.23
N TYR B 140 6.06 16.58 9.03
CA TYR B 140 5.14 16.51 7.89
C TYR B 140 4.23 15.28 7.84
N ILE B 141 4.74 14.14 8.29
CA ILE B 141 3.96 12.90 8.28
C ILE B 141 3.27 12.72 9.63
N PRO B 142 1.93 12.69 9.64
CA PRO B 142 1.18 12.51 10.88
C PRO B 142 1.32 11.09 11.42
N GLU B 143 1.05 10.93 12.72
CA GLU B 143 1.08 9.62 13.35
C GLU B 143 0.05 8.83 12.53
N PRO B 144 0.46 7.71 11.91
CA PRO B 144 -0.47 6.91 11.11
C PRO B 144 -1.62 6.35 11.95
N GLU B 145 -2.79 6.18 11.32
CA GLU B 145 -3.95 5.64 12.02
C GLU B 145 -3.74 4.15 12.29
N ARG B 146 -3.68 3.77 13.58
CA ARG B 146 -3.47 2.38 13.93
C ARG B 146 -4.63 1.48 13.52
N ALA B 147 -4.32 0.23 13.21
CA ALA B 147 -5.30 -0.77 12.78
C ALA B 147 -6.53 -0.84 13.68
N ILE B 148 -6.31 -0.92 14.98
CA ILE B 148 -7.43 -1.02 15.93
C ILE B 148 -8.38 0.17 15.92
N ASP B 149 -7.92 1.33 15.49
CA ASP B 149 -8.77 2.52 15.46
C ASP B 149 -9.64 2.66 14.21
N LYS B 150 -9.42 1.81 13.22
CA LYS B 150 -10.22 1.86 12.00
C LYS B 150 -11.50 1.05 12.20
N PRO B 151 -12.50 1.25 11.34
CA PRO B 151 -13.75 0.51 11.50
C PRO B 151 -13.48 -0.99 11.35
N PHE B 152 -14.19 -1.79 12.13
CA PHE B 152 -14.04 -3.23 12.09
C PHE B 152 -14.27 -3.79 10.70
N LEU B 153 -13.50 -4.82 10.37
CA LEU B 153 -13.63 -5.53 9.10
C LEU B 153 -12.94 -6.86 9.28
N LEU B 154 -13.59 -7.92 8.82
CA LEU B 154 -13.05 -9.26 8.92
C LEU B 154 -13.40 -10.04 7.68
N PRO B 155 -12.38 -10.53 6.93
CA PRO B 155 -12.62 -11.30 5.71
C PRO B 155 -13.11 -12.68 6.14
N ILE B 156 -14.28 -13.08 5.69
CA ILE B 156 -14.83 -14.38 6.07
C ILE B 156 -14.16 -15.52 5.33
N GLU B 157 -13.65 -16.48 6.10
CA GLU B 157 -13.01 -17.67 5.56
C GLU B 157 -13.96 -18.85 5.63
N ASP B 158 -14.24 -19.32 6.84
CA ASP B 158 -15.14 -20.46 7.02
C ASP B 158 -16.52 -20.00 7.54
N VAL B 159 -17.51 -20.89 7.40
CA VAL B 159 -18.85 -20.60 7.89
C VAL B 159 -19.39 -21.85 8.60
N PHE B 160 -19.51 -21.76 9.92
CA PHE B 160 -20.03 -22.88 10.68
C PHE B 160 -21.41 -22.66 11.26
N SER B 161 -22.11 -23.75 11.47
CA SER B 161 -23.40 -23.73 12.10
C SER B 161 -23.01 -24.36 13.39
N ILE B 162 -23.34 -23.72 14.49
CA ILE B 162 -23.01 -24.32 15.75
C ILE B 162 -24.23 -24.65 16.62
N SER B 163 -24.18 -25.89 17.13
CA SER B 163 -25.13 -26.54 18.04
C SER B 163 -25.77 -25.55 19.04
N GLY B 164 -27.00 -25.13 18.73
CA GLY B 164 -27.75 -24.25 19.62
C GLY B 164 -27.17 -22.87 19.85
N ARG B 165 -25.85 -22.68 19.74
CA ARG B 165 -25.34 -21.33 19.95
C ARG B 165 -25.75 -20.43 18.77
N GLY B 166 -25.47 -20.87 17.53
CA GLY B 166 -25.82 -20.07 16.37
C GLY B 166 -24.84 -20.23 15.20
N THR B 167 -24.91 -19.34 14.21
CA THR B 167 -24.01 -19.38 13.05
C THR B 167 -22.68 -18.69 13.41
N VAL B 168 -21.57 -19.28 12.97
CA VAL B 168 -20.25 -18.74 13.26
C VAL B 168 -19.34 -18.54 12.05
N VAL B 169 -18.81 -17.34 11.89
CA VAL B 169 -17.89 -17.09 10.78
C VAL B 169 -16.49 -16.82 11.33
N THR B 170 -15.49 -17.36 10.65
CA THR B 170 -14.10 -17.20 11.07
C THR B 170 -13.23 -16.39 10.10
N GLY B 171 -12.13 -15.87 10.63
CA GLY B 171 -11.22 -15.08 9.82
C GLY B 171 -10.35 -14.26 10.73
N ARG B 172 -9.49 -13.44 10.13
CA ARG B 172 -8.60 -12.59 10.90
C ARG B 172 -9.12 -11.16 10.85
N VAL B 173 -9.27 -10.53 12.01
CA VAL B 173 -9.73 -9.16 12.03
C VAL B 173 -8.68 -8.36 11.27
N GLU B 174 -9.06 -7.83 10.10
CA GLU B 174 -8.14 -7.06 9.28
C GLU B 174 -7.95 -5.68 9.90
N ARG B 175 -8.95 -5.22 10.64
CA ARG B 175 -8.87 -3.93 11.27
C ARG B 175 -10.04 -3.65 12.19
N GLY B 176 -9.83 -2.72 13.09
CA GLY B 176 -10.89 -2.37 14.01
C GLY B 176 -11.00 -3.31 15.19
N ILE B 177 -12.22 -3.42 15.68
CA ILE B 177 -12.49 -4.23 16.85
C ILE B 177 -13.97 -4.58 16.81
N ILE B 178 -14.30 -5.81 17.20
CA ILE B 178 -15.69 -6.23 17.22
C ILE B 178 -16.02 -6.69 18.63
N LYS B 179 -17.10 -6.16 19.19
CA LYS B 179 -17.49 -6.50 20.55
C LYS B 179 -18.87 -7.14 20.58
N VAL B 180 -19.08 -8.03 21.54
CA VAL B 180 -20.38 -8.69 21.70
C VAL B 180 -21.41 -7.57 21.88
N GLY B 181 -22.48 -7.62 21.08
CA GLY B 181 -23.51 -6.60 21.18
C GLY B 181 -23.49 -5.62 20.03
N GLU B 182 -22.35 -5.50 19.35
CA GLU B 182 -22.23 -4.58 18.22
C GLU B 182 -22.93 -5.16 16.99
N GLU B 183 -23.41 -4.27 16.13
CA GLU B 183 -24.08 -4.70 14.90
C GLU B 183 -23.01 -4.88 13.83
N VAL B 184 -23.34 -5.68 12.80
CA VAL B 184 -22.41 -5.91 11.71
C VAL B 184 -23.13 -6.17 10.40
N GLU B 185 -22.58 -5.64 9.32
CA GLU B 185 -23.15 -5.86 8.00
C GLU B 185 -22.28 -6.92 7.34
N ILE B 186 -22.92 -7.79 6.57
CA ILE B 186 -22.24 -8.85 5.84
C ILE B 186 -22.25 -8.32 4.41
N VAL B 187 -21.10 -7.84 3.96
CA VAL B 187 -21.01 -7.21 2.64
C VAL B 187 -20.26 -7.98 1.55
N GLY B 188 -20.77 -7.85 0.33
CA GLY B 188 -20.18 -8.50 -0.82
C GLY B 188 -20.92 -9.72 -1.35
N ILE B 189 -20.72 -10.00 -2.63
CA ILE B 189 -21.29 -11.16 -3.33
C ILE B 189 -22.81 -11.21 -3.44
N LYS B 190 -23.52 -10.83 -2.39
CA LYS B 190 -24.99 -10.83 -2.41
C LYS B 190 -25.43 -9.51 -1.83
N GLU B 191 -26.73 -9.31 -1.69
CA GLU B 191 -27.23 -8.07 -1.10
C GLU B 191 -26.68 -8.00 0.33
N THR B 192 -26.38 -6.78 0.77
CA THR B 192 -25.87 -6.60 2.12
C THR B 192 -26.90 -6.98 3.16
N GLN B 193 -26.50 -7.86 4.07
CA GLN B 193 -27.38 -8.30 5.14
C GLN B 193 -26.84 -7.62 6.39
N LYS B 194 -27.58 -7.77 7.47
CA LYS B 194 -27.19 -7.16 8.72
C LYS B 194 -27.39 -8.22 9.79
N SER B 195 -26.68 -8.09 10.90
CA SER B 195 -26.82 -9.06 11.96
C SER B 195 -26.23 -8.47 13.22
N THR B 196 -26.14 -9.27 14.27
CA THR B 196 -25.58 -8.79 15.53
C THR B 196 -24.60 -9.81 16.08
N CYS B 197 -23.50 -9.30 16.64
CA CYS B 197 -22.48 -10.15 17.22
C CYS B 197 -22.90 -10.57 18.61
N THR B 198 -23.18 -11.86 18.77
CA THR B 198 -23.60 -12.38 20.07
C THR B 198 -22.46 -13.16 20.73
N GLY B 199 -21.25 -12.95 20.23
CA GLY B 199 -20.12 -13.64 20.81
C GLY B 199 -18.91 -13.72 19.90
N VAL B 200 -17.74 -13.56 20.50
CA VAL B 200 -16.48 -13.66 19.80
C VAL B 200 -15.74 -14.79 20.49
N GLU B 201 -15.21 -15.71 19.70
CA GLU B 201 -14.49 -16.84 20.24
C GLU B 201 -13.10 -16.90 19.63
N MET B 202 -12.13 -17.29 20.45
CA MET B 202 -10.76 -17.43 20.02
C MET B 202 -10.17 -18.55 20.87
N PHE B 203 -9.52 -19.50 20.20
CA PHE B 203 -8.90 -20.62 20.89
C PHE B 203 -9.94 -21.36 21.74
N ARG B 204 -11.11 -21.63 21.17
CA ARG B 204 -12.14 -22.36 21.89
C ARG B 204 -12.84 -21.52 22.98
N LYS B 205 -12.16 -20.50 23.52
CA LYS B 205 -12.73 -19.68 24.61
C LYS B 205 -13.45 -18.37 24.27
N LEU B 206 -14.59 -18.16 24.90
CA LEU B 206 -15.42 -16.97 24.71
C LEU B 206 -14.74 -15.67 25.16
N LEU B 207 -14.66 -14.70 24.27
CA LEU B 207 -14.06 -13.39 24.55
C LEU B 207 -15.09 -12.28 24.52
N ASP B 208 -14.67 -11.08 24.93
CA ASP B 208 -15.57 -9.92 24.91
C ASP B 208 -15.48 -9.26 23.54
N GLU B 209 -14.27 -9.23 22.98
CA GLU B 209 -14.03 -8.60 21.70
C GLU B 209 -12.91 -9.25 20.88
N GLY B 210 -12.94 -9.00 19.58
CA GLY B 210 -11.91 -9.51 18.70
C GLY B 210 -11.15 -8.26 18.26
N ARG B 211 -9.86 -8.38 17.98
CA ARG B 211 -9.09 -7.22 17.58
C ARG B 211 -8.26 -7.43 16.33
N ALA B 212 -7.96 -6.32 15.67
CA ALA B 212 -7.17 -6.32 14.45
C ALA B 212 -5.96 -7.24 14.63
N GLY B 213 -5.74 -8.13 13.66
CA GLY B 213 -4.62 -9.04 13.72
C GLY B 213 -4.93 -10.38 14.37
N GLU B 214 -6.09 -10.50 14.98
CA GLU B 214 -6.43 -11.76 15.65
C GLU B 214 -7.36 -12.64 14.83
N ASN B 215 -7.18 -13.94 15.00
CA ASN B 215 -8.02 -14.89 14.31
C ASN B 215 -9.09 -15.26 15.31
N VAL B 216 -10.34 -15.04 14.92
CA VAL B 216 -11.46 -15.30 15.82
C VAL B 216 -12.63 -15.93 15.11
N GLY B 217 -13.65 -16.24 15.89
CA GLY B 217 -14.87 -16.78 15.36
C GLY B 217 -15.92 -15.80 15.82
N VAL B 218 -16.85 -15.44 14.93
CA VAL B 218 -17.89 -14.51 15.33
C VAL B 218 -19.27 -15.14 15.22
N LEU B 219 -19.92 -15.29 16.38
CA LEU B 219 -21.26 -15.85 16.46
C LEU B 219 -22.22 -14.76 16.00
N LEU B 220 -23.11 -15.10 15.08
CA LEU B 220 -24.07 -14.13 14.54
C LEU B 220 -25.51 -14.50 14.84
N ARG B 221 -26.30 -13.47 15.15
CA ARG B 221 -27.71 -13.64 15.44
C ARG B 221 -28.58 -13.81 14.19
N GLY B 222 -29.46 -14.80 14.25
CA GLY B 222 -30.40 -15.05 13.17
C GLY B 222 -29.94 -15.52 11.81
N ILE B 223 -28.72 -15.21 11.40
CA ILE B 223 -28.24 -15.63 10.09
C ILE B 223 -27.98 -17.15 10.07
N LYS B 224 -28.30 -17.80 8.95
CA LYS B 224 -28.09 -19.24 8.80
C LYS B 224 -26.90 -19.53 7.89
N ARG B 225 -26.28 -20.68 8.08
CA ARG B 225 -25.10 -21.10 7.31
C ARG B 225 -25.21 -20.88 5.79
N GLU B 226 -26.40 -21.07 5.23
CA GLU B 226 -26.59 -20.91 3.79
C GLU B 226 -26.61 -19.47 3.29
N GLU B 227 -26.90 -18.53 4.19
CA GLU B 227 -26.97 -17.11 3.84
C GLU B 227 -25.62 -16.39 3.81
N ILE B 228 -24.57 -17.05 4.29
CA ILE B 228 -23.24 -16.45 4.33
C ILE B 228 -22.20 -17.28 3.59
N GLU B 229 -21.18 -16.62 3.04
CA GLU B 229 -20.15 -17.34 2.33
C GLU B 229 -18.80 -16.64 2.26
N ARG B 230 -17.79 -17.44 1.94
CA ARG B 230 -16.41 -17.00 1.81
C ARG B 230 -16.30 -15.91 0.75
N GLY B 231 -15.52 -14.87 1.04
CA GLY B 231 -15.37 -13.78 0.10
C GLY B 231 -16.10 -12.56 0.64
N GLN B 232 -17.09 -12.83 1.49
CA GLN B 232 -17.85 -11.76 2.10
C GLN B 232 -17.05 -11.28 3.29
N VAL B 233 -17.39 -10.10 3.78
CA VAL B 233 -16.68 -9.55 4.92
C VAL B 233 -17.70 -9.11 5.95
N LEU B 234 -17.27 -9.08 7.21
CA LEU B 234 -18.09 -8.58 8.30
C LEU B 234 -17.51 -7.19 8.50
N ALA B 235 -18.37 -6.18 8.66
CA ALA B 235 -17.87 -4.82 8.84
C ALA B 235 -18.81 -3.98 9.69
N LYS B 236 -18.26 -2.97 10.36
CA LYS B 236 -19.07 -2.08 11.17
C LYS B 236 -20.05 -1.53 10.15
N PRO B 237 -21.35 -1.56 10.45
CA PRO B 237 -22.36 -1.07 9.52
C PRO B 237 -22.06 0.29 8.90
N GLY B 238 -22.39 0.44 7.62
CA GLY B 238 -22.18 1.68 6.90
C GLY B 238 -20.76 2.11 6.61
N THR B 239 -19.78 1.22 6.75
CA THR B 239 -18.39 1.60 6.51
C THR B 239 -17.75 1.11 5.20
N ILE B 240 -18.33 0.08 4.58
CA ILE B 240 -17.81 -0.43 3.32
C ILE B 240 -18.99 -0.91 2.50
N LYS B 241 -18.96 -0.63 1.20
CA LYS B 241 -20.05 -1.04 0.31
C LYS B 241 -19.49 -1.97 -0.76
N PRO B 242 -20.37 -2.78 -1.36
CA PRO B 242 -19.93 -3.71 -2.40
C PRO B 242 -19.81 -2.98 -3.74
N HIS B 243 -18.86 -3.41 -4.58
CA HIS B 243 -18.64 -2.79 -5.87
C HIS B 243 -18.30 -3.84 -6.92
N THR B 244 -18.63 -3.54 -8.17
CA THR B 244 -18.40 -4.47 -9.27
C THR B 244 -17.34 -3.99 -10.25
N LYS B 245 -17.22 -2.67 -10.39
CA LYS B 245 -16.27 -2.07 -11.33
C LYS B 245 -15.31 -1.14 -10.61
N PHE B 246 -14.05 -1.15 -11.02
CA PHE B 246 -13.07 -0.30 -10.38
C PHE B 246 -11.88 -0.11 -11.26
N GLU B 247 -11.15 0.94 -10.95
CA GLU B 247 -9.92 1.28 -11.64
C GLU B 247 -8.79 0.75 -10.74
N SER B 248 -7.76 0.18 -11.34
CA SER B 248 -6.67 -0.36 -10.54
C SER B 248 -5.35 -0.26 -11.23
N GLU B 249 -4.29 -0.43 -10.45
N GLU B 249 -4.30 -0.45 -10.44
CA GLU B 249 -2.93 -0.46 -11.00
CA GLU B 249 -2.93 -0.44 -10.93
C GLU B 249 -2.50 -1.89 -10.76
C GLU B 249 -2.46 -1.89 -10.74
N VAL B 250 -2.04 -2.55 -11.81
CA VAL B 250 -1.61 -3.94 -11.68
C VAL B 250 -0.25 -4.23 -12.25
N TYR B 251 0.41 -5.22 -11.66
CA TYR B 251 1.72 -5.66 -12.10
C TYR B 251 1.57 -7.11 -12.54
N ILE B 252 1.96 -7.39 -13.78
CA ILE B 252 1.90 -8.73 -14.34
C ILE B 252 3.25 -9.41 -14.10
N LEU B 253 3.25 -10.60 -13.51
CA LEU B 253 4.50 -11.29 -13.22
C LEU B 253 5.28 -11.56 -14.49
N SER B 254 6.60 -11.55 -14.36
CA SER B 254 7.49 -11.83 -15.49
C SER B 254 7.60 -13.34 -15.66
N LYS B 255 8.19 -13.77 -16.77
CA LYS B 255 8.40 -15.18 -17.04
C LYS B 255 9.28 -15.78 -15.92
N ASP B 256 10.35 -15.08 -15.58
CA ASP B 256 11.28 -15.52 -14.54
C ASP B 256 10.63 -15.68 -13.16
N GLU B 257 9.51 -15.01 -12.94
CA GLU B 257 8.81 -15.11 -11.67
C GLU B 257 7.78 -16.25 -11.73
N GLY B 258 7.82 -17.00 -12.83
CA GLY B 258 6.88 -18.09 -12.98
C GLY B 258 5.53 -17.61 -13.49
N GLY B 259 5.51 -16.44 -14.13
CA GLY B 259 4.27 -15.90 -14.65
C GLY B 259 4.04 -16.28 -16.09
N ARG B 260 3.09 -15.63 -16.74
CA ARG B 260 2.77 -15.89 -18.14
C ARG B 260 4.02 -15.72 -19.02
N HIS B 261 4.00 -16.32 -20.21
CA HIS B 261 5.10 -16.21 -21.15
C HIS B 261 4.72 -15.35 -22.35
N THR B 262 3.44 -15.00 -22.45
CA THR B 262 2.99 -14.18 -23.57
C THR B 262 2.11 -13.04 -23.11
N PRO B 263 1.94 -12.04 -23.98
CA PRO B 263 1.09 -10.90 -23.58
C PRO B 263 -0.37 -11.30 -23.68
N PHE B 264 -1.25 -10.57 -22.99
CA PHE B 264 -2.68 -10.83 -23.12
C PHE B 264 -3.26 -9.55 -23.71
N PHE B 265 -4.39 -9.68 -24.40
CA PHE B 265 -5.03 -8.54 -25.04
C PHE B 265 -6.35 -8.26 -24.34
N LYS B 266 -7.15 -7.33 -24.88
CA LYS B 266 -8.45 -7.10 -24.25
C LYS B 266 -9.17 -8.42 -24.50
N GLY B 267 -10.09 -8.79 -23.60
CA GLY B 267 -10.77 -10.06 -23.78
C GLY B 267 -10.18 -11.13 -22.89
N TYR B 268 -9.14 -10.75 -22.15
CA TYR B 268 -8.47 -11.64 -21.18
C TYR B 268 -9.46 -11.74 -20.02
N ARG B 269 -9.77 -12.97 -19.60
CA ARG B 269 -10.70 -13.20 -18.49
C ARG B 269 -10.07 -14.08 -17.42
N PRO B 270 -9.36 -13.45 -16.49
CA PRO B 270 -8.69 -14.17 -15.41
C PRO B 270 -9.53 -14.11 -14.14
N GLN B 271 -9.00 -14.61 -13.04
CA GLN B 271 -9.70 -14.52 -11.79
C GLN B 271 -9.04 -13.44 -10.94
N PHE B 272 -9.85 -12.71 -10.17
CA PHE B 272 -9.36 -11.67 -9.31
C PHE B 272 -9.60 -12.18 -7.90
N TYR B 273 -8.50 -12.46 -7.19
CA TYR B 273 -8.57 -12.96 -5.85
C TYR B 273 -8.58 -11.82 -4.85
N PHE B 274 -9.73 -11.63 -4.22
CA PHE B 274 -9.90 -10.59 -3.22
C PHE B 274 -10.03 -11.23 -1.85
N ARG B 275 -9.04 -10.99 -0.99
CA ARG B 275 -9.02 -11.50 0.38
C ARG B 275 -9.06 -13.01 0.56
N THR B 276 -10.18 -13.60 0.16
CA THR B 276 -10.39 -15.03 0.37
C THR B 276 -10.86 -15.86 -0.82
N THR B 277 -11.35 -15.22 -1.89
CA THR B 277 -11.86 -15.99 -3.02
C THR B 277 -11.65 -15.40 -4.42
N ASP B 278 -11.70 -16.27 -5.42
CA ASP B 278 -11.56 -15.88 -6.82
C ASP B 278 -12.88 -15.35 -7.38
N VAL B 279 -12.81 -14.30 -8.20
CA VAL B 279 -13.99 -13.78 -8.87
C VAL B 279 -13.55 -13.34 -10.25
N THR B 280 -14.14 -13.96 -11.27
CA THR B 280 -13.80 -13.65 -12.65
C THR B 280 -14.25 -12.25 -13.00
N GLY B 281 -13.56 -11.66 -13.96
CA GLY B 281 -13.91 -10.31 -14.38
C GLY B 281 -13.44 -10.03 -15.79
N THR B 282 -13.96 -8.96 -16.36
CA THR B 282 -13.58 -8.55 -17.70
C THR B 282 -12.71 -7.31 -17.54
N ILE B 283 -11.75 -7.14 -18.45
CA ILE B 283 -10.84 -5.99 -18.37
C ILE B 283 -10.90 -5.01 -19.55
N GLU B 284 -10.59 -3.75 -19.22
CA GLU B 284 -10.52 -2.65 -20.18
C GLU B 284 -9.11 -2.08 -20.06
N LEU B 285 -8.34 -2.14 -21.14
CA LEU B 285 -6.99 -1.60 -21.11
C LEU B 285 -7.00 -0.08 -21.34
N PRO B 286 -5.95 0.62 -20.90
CA PRO B 286 -5.91 2.07 -21.10
C PRO B 286 -5.88 2.42 -22.58
N GLU B 287 -6.34 3.62 -22.92
CA GLU B 287 -6.36 4.09 -24.30
C GLU B 287 -5.01 3.86 -24.97
N GLY B 288 -5.04 3.32 -26.19
CA GLY B 288 -3.81 3.09 -26.91
C GLY B 288 -3.07 1.81 -26.59
N VAL B 289 -3.35 1.23 -25.42
CA VAL B 289 -2.69 -0.02 -25.02
C VAL B 289 -3.40 -1.24 -25.62
N GLU B 290 -2.68 -1.97 -26.46
CA GLU B 290 -3.21 -3.14 -27.14
C GLU B 290 -2.89 -4.45 -26.44
N MET B 291 -1.71 -4.57 -25.84
CA MET B 291 -1.35 -5.80 -25.14
C MET B 291 -0.59 -5.54 -23.86
N VAL B 292 -0.53 -6.56 -23.00
CA VAL B 292 0.16 -6.44 -21.72
C VAL B 292 1.13 -7.60 -21.59
N MET B 293 2.41 -7.25 -21.60
CA MET B 293 3.51 -8.20 -21.53
C MET B 293 3.83 -8.64 -20.12
N PRO B 294 4.43 -9.82 -19.98
CA PRO B 294 4.78 -10.29 -18.63
C PRO B 294 5.80 -9.24 -18.14
N GLY B 295 5.68 -8.80 -16.89
CA GLY B 295 6.62 -7.80 -16.39
C GLY B 295 6.09 -6.36 -16.43
N ASP B 296 5.06 -6.12 -17.24
CA ASP B 296 4.46 -4.78 -17.38
C ASP B 296 3.56 -4.42 -16.22
N ASN B 297 3.34 -3.13 -16.03
CA ASN B 297 2.40 -2.69 -15.02
C ASN B 297 1.56 -1.64 -15.72
N ILE B 298 0.24 -1.69 -15.52
CA ILE B 298 -0.67 -0.73 -16.16
C ILE B 298 -1.88 -0.44 -15.29
N LYS B 299 -2.62 0.58 -15.69
CA LYS B 299 -3.86 0.99 -15.03
C LYS B 299 -4.85 0.07 -15.74
N MET B 300 -5.72 -0.60 -14.99
CA MET B 300 -6.67 -1.53 -15.60
C MET B 300 -8.05 -1.34 -15.01
N VAL B 301 -9.05 -1.23 -15.87
CA VAL B 301 -10.41 -1.07 -15.38
C VAL B 301 -10.99 -2.48 -15.40
N VAL B 302 -11.47 -2.93 -14.24
CA VAL B 302 -12.01 -4.28 -14.07
C VAL B 302 -13.50 -4.29 -13.75
N THR B 303 -14.20 -5.29 -14.30
CA THR B 303 -15.63 -5.45 -14.04
C THR B 303 -15.85 -6.91 -13.64
N LEU B 304 -16.15 -7.10 -12.35
CA LEU B 304 -16.37 -8.42 -11.78
C LEU B 304 -17.77 -8.95 -12.09
N ILE B 305 -17.92 -10.27 -12.18
CA ILE B 305 -19.24 -10.86 -12.45
C ILE B 305 -20.12 -10.70 -11.21
N HIS B 306 -19.52 -10.83 -10.04
N HIS B 306 -19.58 -10.88 -10.02
CA HIS B 306 -20.21 -10.70 -8.75
CA HIS B 306 -20.37 -10.65 -8.81
C HIS B 306 -19.53 -9.63 -7.90
C HIS B 306 -19.60 -9.66 -7.94
N PRO B 307 -20.33 -8.81 -7.19
CA PRO B 307 -19.77 -7.76 -6.31
C PRO B 307 -18.85 -8.26 -5.21
N ILE B 308 -18.07 -7.32 -4.67
CA ILE B 308 -17.11 -7.59 -3.60
C ILE B 308 -16.99 -6.32 -2.77
N ALA B 309 -16.92 -6.47 -1.46
CA ALA B 309 -16.77 -5.31 -0.58
C ALA B 309 -15.39 -4.74 -0.84
N MET B 310 -15.30 -3.45 -1.10
CA MET B 310 -14.00 -2.87 -1.38
C MET B 310 -13.92 -1.36 -1.29
N ASP B 311 -12.70 -0.87 -1.11
CA ASP B 311 -12.46 0.56 -1.06
C ASP B 311 -11.07 0.76 -1.62
N ASP B 312 -10.76 2.00 -1.99
CA ASP B 312 -9.44 2.30 -2.52
C ASP B 312 -8.33 1.70 -1.65
N GLY B 313 -7.35 1.09 -2.29
CA GLY B 313 -6.24 0.51 -1.54
C GLY B 313 -6.31 -0.98 -1.30
N LEU B 314 -7.43 -1.60 -1.65
CA LEU B 314 -7.59 -3.03 -1.49
C LEU B 314 -6.70 -3.80 -2.48
N ARG B 315 -5.87 -4.69 -1.95
CA ARG B 315 -4.98 -5.52 -2.78
C ARG B 315 -5.70 -6.76 -3.29
N PHE B 316 -5.24 -7.27 -4.43
CA PHE B 316 -5.81 -8.48 -5.00
C PHE B 316 -4.78 -9.16 -5.88
N ALA B 317 -4.97 -10.44 -6.11
CA ALA B 317 -4.07 -11.19 -6.97
C ALA B 317 -4.86 -11.48 -8.24
N ILE B 318 -4.17 -11.59 -9.36
CA ILE B 318 -4.85 -11.95 -10.60
C ILE B 318 -4.34 -13.36 -10.79
N ARG B 319 -5.26 -14.30 -11.06
CA ARG B 319 -4.86 -15.68 -11.20
C ARG B 319 -5.43 -16.45 -12.40
N GLU B 320 -4.71 -17.49 -12.79
CA GLU B 320 -5.10 -18.38 -13.87
C GLU B 320 -5.11 -19.79 -13.28
N GLY B 321 -6.31 -20.28 -12.96
CA GLY B 321 -6.42 -21.61 -12.39
C GLY B 321 -5.77 -21.76 -11.02
N GLY B 322 -5.93 -20.76 -10.17
CA GLY B 322 -5.34 -20.85 -8.84
C GLY B 322 -3.88 -20.43 -8.82
N ARG B 323 -3.27 -20.26 -9.98
CA ARG B 323 -1.87 -19.84 -10.04
C ARG B 323 -1.81 -18.33 -10.26
N THR B 324 -1.06 -17.63 -9.40
CA THR B 324 -0.92 -16.18 -9.49
C THR B 324 -0.10 -15.74 -10.70
N VAL B 325 -0.64 -14.79 -11.46
CA VAL B 325 0.06 -14.26 -12.64
C VAL B 325 0.12 -12.73 -12.60
N GLY B 326 -0.49 -12.13 -11.58
CA GLY B 326 -0.46 -10.69 -11.45
C GLY B 326 -0.87 -10.23 -10.06
N ALA B 327 -0.51 -9.00 -9.74
CA ALA B 327 -0.87 -8.42 -8.45
C ALA B 327 -1.44 -7.03 -8.72
N GLY B 328 -2.45 -6.63 -7.95
CA GLY B 328 -3.03 -5.32 -8.16
C GLY B 328 -3.55 -4.66 -6.89
N VAL B 329 -3.92 -3.38 -7.01
CA VAL B 329 -4.47 -2.62 -5.90
C VAL B 329 -5.55 -1.70 -6.45
N VAL B 330 -6.69 -1.65 -5.76
CA VAL B 330 -7.79 -0.81 -6.22
C VAL B 330 -7.42 0.66 -6.05
N ALA B 331 -7.44 1.38 -7.17
CA ALA B 331 -7.10 2.80 -7.13
C ALA B 331 -8.33 3.68 -6.96
N LYS B 332 -9.44 3.25 -7.56
CA LYS B 332 -10.65 4.04 -7.49
C LYS B 332 -11.87 3.19 -7.79
N VAL B 333 -12.82 3.19 -6.86
CA VAL B 333 -14.06 2.46 -7.06
C VAL B 333 -14.92 3.27 -8.03
N LEU B 334 -15.59 2.59 -8.95
CA LEU B 334 -16.42 3.26 -9.92
C LEU B 334 -17.91 3.01 -9.65
N GLY B 335 -18.22 1.84 -9.10
CA GLY B 335 -19.60 1.53 -8.80
C GLY B 335 -19.92 0.05 -8.83
#